data_2CT9
#
_entry.id   2CT9
#
_cell.length_a   55.55
_cell.length_b   38.53
_cell.length_c   89.95
_cell.angle_alpha   90.00
_cell.angle_beta   90.69
_cell.angle_gamma   90.00
#
_symmetry.space_group_name_H-M   'P 1 21 1'
#
loop_
_entity.id
_entity.type
_entity.pdbx_description
1 polymer 'Calcium-binding protein p22'
2 non-polymer 'CALCIUM ION'
3 water water
#
_entity_poly.entity_id   1
_entity_poly.type   'polypeptide(L)'
_entity_poly.pdbx_seq_one_letter_code
;MGSRASTLLRDEELEEIKKETGFSHSQITRLYSRFTSLDKGENGTLSREDFQRIPELAINPLGDRIINAFFSEGEDQVNF
RGFMRTLAHFRPIEDNEKSKDVNGPEPLNSRSNKLHFAFRLYDLDKDDKISRDELLQVLRMMVGVNISDEQLGSIADRTI
QEADQDGDSAISFTEFVKVLEKVDVEQKMSIRFLHKLAAALEHHHHHH
;
_entity_poly.pdbx_strand_id   A,B
#
loop_
_chem_comp.id
_chem_comp.type
_chem_comp.name
_chem_comp.formula
CA non-polymer 'CALCIUM ION' 'Ca 2'
#
# COMPACT_ATOMS: atom_id res chain seq x y z
N LEU A 8 7.57 -15.13 -28.47
CA LEU A 8 7.32 -13.84 -29.20
C LEU A 8 5.85 -13.65 -29.59
N LEU A 9 5.37 -12.43 -29.35
CA LEU A 9 3.96 -12.10 -29.51
C LEU A 9 3.66 -11.88 -30.97
N ARG A 10 2.73 -12.66 -31.48
CA ARG A 10 2.38 -12.61 -32.89
C ARG A 10 1.56 -11.36 -33.10
N ASP A 11 1.56 -10.84 -34.32
CA ASP A 11 0.87 -9.59 -34.63
C ASP A 11 -0.66 -9.70 -34.58
N GLU A 12 -1.21 -10.83 -35.02
CA GLU A 12 -2.67 -11.03 -34.94
C GLU A 12 -3.12 -11.12 -33.51
N GLU A 13 -2.26 -11.63 -32.65
CA GLU A 13 -2.53 -11.67 -31.21
C GLU A 13 -2.54 -10.20 -30.70
N LEU A 14 -1.61 -9.40 -31.18
CA LEU A 14 -1.47 -8.03 -30.70
C LEU A 14 -2.66 -7.16 -31.12
N GLU A 15 -3.09 -7.33 -32.36
CA GLU A 15 -4.23 -6.58 -32.92
C GLU A 15 -5.54 -6.90 -32.21
N GLU A 16 -5.72 -8.16 -31.85
CA GLU A 16 -6.94 -8.59 -31.15
C GLU A 16 -6.96 -8.07 -29.70
N ILE A 17 -5.82 -8.11 -29.01
CA ILE A 17 -5.71 -7.54 -27.67
C ILE A 17 -6.06 -6.05 -27.75
N LYS A 18 -5.39 -5.34 -28.65
CA LYS A 18 -5.64 -3.92 -28.85
C LYS A 18 -7.15 -3.66 -28.92
N LYS A 19 -7.87 -4.42 -29.74
CA LYS A 19 -9.32 -4.18 -29.89
C LYS A 19 -10.13 -4.56 -28.63
N GLU A 20 -9.75 -5.66 -27.98
CA GLU A 20 -10.46 -6.15 -26.79
C GLU A 20 -10.21 -5.24 -25.58
N THR A 21 -8.98 -4.75 -25.44
CA THR A 21 -8.53 -4.05 -24.24
C THR A 21 -8.44 -2.51 -24.30
N GLY A 22 -8.27 -1.95 -25.51
CA GLY A 22 -8.00 -0.53 -25.68
C GLY A 22 -6.57 -0.02 -25.41
N PHE A 23 -5.64 -0.90 -25.01
CA PHE A 23 -4.22 -0.53 -24.93
C PHE A 23 -3.66 -0.28 -26.32
N SER A 24 -2.70 0.62 -26.46
CA SER A 24 -2.07 0.83 -27.79
C SER A 24 -1.13 -0.32 -28.16
N HIS A 25 -0.66 -0.36 -29.41
CA HIS A 25 0.33 -1.36 -29.84
C HIS A 25 1.52 -1.31 -28.91
N SER A 26 1.98 -0.09 -28.65
CA SER A 26 3.17 0.20 -27.83
C SER A 26 3.03 -0.31 -26.37
N GLN A 27 1.93 0.02 -25.73
CA GLN A 27 1.60 -0.45 -24.40
C GLN A 27 1.61 -1.97 -24.30
N ILE A 28 0.97 -2.62 -25.27
CA ILE A 28 0.85 -4.06 -25.27
C ILE A 28 2.23 -4.74 -25.35
N THR A 29 3.07 -4.19 -26.22
CA THR A 29 4.43 -4.67 -26.40
C THR A 29 5.23 -4.55 -25.10
N ARG A 30 5.13 -3.42 -24.43
CA ARG A 30 5.75 -3.25 -23.14
C ARG A 30 5.21 -4.20 -22.06
N LEU A 31 3.90 -4.43 -22.06
CA LEU A 31 3.29 -5.32 -21.07
C LEU A 31 3.63 -6.78 -21.32
N TYR A 32 3.83 -7.15 -22.58
CA TYR A 32 4.27 -8.51 -22.93
C TYR A 32 5.68 -8.79 -22.39
N SER A 33 6.55 -7.77 -22.45
CA SER A 33 7.89 -7.88 -21.93
C SER A 33 7.85 -8.00 -20.42
N ARG A 34 6.96 -7.25 -19.77
CA ARG A 34 6.75 -7.43 -18.32
C ARG A 34 6.17 -8.82 -18.04
N PHE A 35 5.21 -9.24 -18.84
CA PHE A 35 4.67 -10.60 -18.71
C PHE A 35 5.81 -11.63 -18.79
N THR A 36 6.69 -11.43 -19.78
CA THR A 36 7.78 -12.33 -20.07
C THR A 36 8.79 -12.42 -18.93
N SER A 37 9.16 -11.26 -18.36
CA SER A 37 10.06 -11.27 -17.21
C SER A 37 9.46 -11.91 -15.97
N LEU A 38 8.12 -11.92 -15.87
CA LEU A 38 7.43 -12.48 -14.69
C LEU A 38 7.25 -13.99 -14.77
N ASP A 39 7.29 -14.52 -16.00
CA ASP A 39 7.11 -15.93 -16.27
C ASP A 39 8.38 -16.71 -15.85
N LYS A 40 8.49 -17.01 -14.55
CA LYS A 40 9.64 -17.73 -14.01
C LYS A 40 9.75 -19.16 -14.52
N GLY A 41 8.62 -19.80 -14.78
CA GLY A 41 8.59 -21.16 -15.31
C GLY A 41 8.74 -21.27 -16.81
N GLU A 42 8.81 -20.13 -17.50
CA GLU A 42 8.99 -20.10 -18.96
C GLU A 42 8.05 -21.10 -19.64
N ASN A 43 6.76 -20.96 -19.33
CA ASN A 43 5.69 -21.81 -19.89
C ASN A 43 4.53 -21.02 -20.47
N GLY A 44 4.74 -19.72 -20.75
CA GLY A 44 3.69 -18.87 -21.28
C GLY A 44 2.55 -18.49 -20.31
N THR A 45 2.68 -18.83 -19.03
CA THR A 45 1.65 -18.46 -18.05
C THR A 45 2.26 -18.04 -16.73
N LEU A 46 1.45 -17.36 -15.94
CA LEU A 46 1.84 -16.91 -14.62
C LEU A 46 0.98 -17.56 -13.53
N SER A 47 1.66 -18.02 -12.49
CA SER A 47 1.01 -18.50 -11.27
C SER A 47 0.90 -17.33 -10.31
N ARG A 48 0.20 -17.53 -9.20
CA ARG A 48 0.03 -16.48 -8.22
C ARG A 48 1.36 -16.01 -7.69
N GLU A 49 2.21 -16.96 -7.42
CA GLU A 49 3.50 -16.70 -6.83
C GLU A 49 4.37 -15.80 -7.76
N ASP A 50 4.23 -15.99 -9.07
CA ASP A 50 4.90 -15.16 -10.05
C ASP A 50 4.57 -13.68 -9.85
N PHE A 51 3.35 -13.37 -9.39
CA PHE A 51 2.92 -11.98 -9.19
C PHE A 51 3.64 -11.30 -8.03
N GLN A 52 4.33 -12.07 -7.17
CA GLN A 52 5.13 -11.45 -6.10
C GLN A 52 6.34 -10.67 -6.61
N ARG A 53 6.71 -10.88 -7.87
CA ARG A 53 7.81 -10.12 -8.41
C ARG A 53 7.34 -8.75 -8.91
N ILE A 54 6.04 -8.44 -8.73
CA ILE A 54 5.50 -7.08 -8.87
C ILE A 54 5.33 -6.48 -7.47
N PRO A 55 6.43 -5.99 -6.87
CA PRO A 55 6.36 -5.62 -5.45
C PRO A 55 5.31 -4.52 -5.12
N GLU A 56 5.12 -3.58 -6.04
CA GLU A 56 4.04 -2.57 -5.98
C GLU A 56 2.68 -3.16 -5.69
N LEU A 57 2.36 -4.24 -6.39
CA LEU A 57 1.13 -4.97 -6.18
C LEU A 57 1.13 -5.69 -4.85
N ALA A 58 2.17 -6.50 -4.65
CA ALA A 58 2.22 -7.47 -3.56
C ALA A 58 2.18 -6.81 -2.16
N ILE A 59 2.92 -5.72 -2.03
CA ILE A 59 2.97 -4.93 -0.81
C ILE A 59 1.63 -4.19 -0.53
N ASN A 60 0.78 -3.99 -1.53
CA ASN A 60 -0.49 -3.27 -1.31
C ASN A 60 -1.39 -4.06 -0.35
N PRO A 61 -2.19 -3.36 0.48
CA PRO A 61 -3.02 -4.12 1.44
C PRO A 61 -4.02 -5.06 0.75
N LEU A 62 -4.48 -4.70 -0.45
CA LEU A 62 -5.37 -5.60 -1.21
C LEU A 62 -4.66 -6.42 -2.27
N GLY A 63 -3.32 -6.47 -2.21
CA GLY A 63 -2.49 -7.20 -3.15
C GLY A 63 -2.92 -8.64 -3.44
N ASP A 64 -3.02 -9.48 -2.42
CA ASP A 64 -3.41 -10.87 -2.64
C ASP A 64 -4.75 -11.00 -3.33
N ARG A 65 -5.68 -10.16 -2.91
CA ARG A 65 -6.96 -10.09 -3.55
C ARG A 65 -6.89 -9.61 -4.98
N ILE A 66 -6.08 -8.59 -5.27
CA ILE A 66 -5.99 -8.10 -6.66
C ILE A 66 -5.40 -9.17 -7.55
N ILE A 67 -4.32 -9.79 -7.10
CA ILE A 67 -3.66 -10.91 -7.79
C ILE A 67 -4.57 -12.09 -8.02
N ASN A 68 -5.28 -12.50 -6.99
CA ASN A 68 -6.13 -13.67 -7.08
C ASN A 68 -7.25 -13.46 -8.11
N ALA A 69 -7.60 -12.19 -8.30
CA ALA A 69 -8.64 -11.80 -9.21
C ALA A 69 -8.22 -11.95 -10.67
N PHE A 70 -6.93 -12.20 -10.95
CA PHE A 70 -6.45 -12.44 -12.30
C PHE A 70 -6.75 -13.88 -12.73
N PHE A 71 -7.14 -14.71 -11.77
CA PHE A 71 -7.30 -16.15 -11.99
C PHE A 71 -8.76 -16.49 -11.99
N SER A 72 -9.24 -17.08 -13.07
CA SER A 72 -10.63 -17.55 -13.11
C SER A 72 -10.75 -18.85 -12.31
N GLU A 73 -11.97 -19.09 -11.82
CA GLU A 73 -12.37 -20.32 -11.08
C GLU A 73 -11.72 -21.55 -11.69
N GLY A 74 -11.03 -22.32 -10.86
CA GLY A 74 -10.45 -23.59 -11.28
C GLY A 74 -9.03 -23.47 -11.82
N GLU A 75 -8.62 -22.27 -12.20
CA GLU A 75 -7.35 -22.13 -12.88
C GLU A 75 -6.28 -21.50 -12.01
N ASP A 76 -5.08 -22.04 -12.15
CA ASP A 76 -3.94 -21.65 -11.34
C ASP A 76 -2.85 -21.01 -12.18
N GLN A 77 -3.09 -20.88 -13.48
CA GLN A 77 -2.14 -20.25 -14.40
C GLN A 77 -2.93 -19.24 -15.20
N VAL A 78 -2.37 -18.05 -15.40
CA VAL A 78 -3.01 -17.11 -16.32
C VAL A 78 -2.09 -16.88 -17.53
N ASN A 79 -2.67 -16.85 -18.74
CA ASN A 79 -1.89 -16.48 -19.95
C ASN A 79 -1.88 -14.97 -20.23
N PHE A 80 -1.11 -14.56 -21.23
CA PHE A 80 -0.97 -13.15 -21.55
C PHE A 80 -2.32 -12.48 -21.90
N ARG A 81 -3.15 -13.20 -22.66
CA ARG A 81 -4.49 -12.74 -22.94
C ARG A 81 -5.31 -12.48 -21.66
N GLY A 82 -5.39 -13.50 -20.79
CA GLY A 82 -6.06 -13.37 -19.50
C GLY A 82 -5.54 -12.18 -18.74
N PHE A 83 -4.22 -12.12 -18.57
CA PHE A 83 -3.47 -10.96 -17.99
C PHE A 83 -3.86 -9.57 -18.54
N MET A 84 -3.89 -9.45 -19.85
CA MET A 84 -4.19 -8.16 -20.53
C MET A 84 -5.65 -7.73 -20.37
N ARG A 85 -6.52 -8.73 -20.36
CA ARG A 85 -7.96 -8.55 -20.12
C ARG A 85 -8.24 -7.97 -18.74
N THR A 86 -7.57 -8.51 -17.72
CA THR A 86 -7.71 -8.02 -16.37
C THR A 86 -7.19 -6.58 -16.31
N LEU A 87 -6.00 -6.36 -16.86
CA LEU A 87 -5.38 -5.01 -16.84
C LEU A 87 -6.22 -4.01 -17.58
N ALA A 88 -6.98 -4.44 -18.58
CA ALA A 88 -7.87 -3.52 -19.29
C ALA A 88 -8.93 -2.89 -18.39
N HIS A 89 -9.28 -3.58 -17.30
CA HIS A 89 -10.14 -2.98 -16.28
C HIS A 89 -9.49 -1.77 -15.56
N PHE A 90 -8.17 -1.65 -15.57
CA PHE A 90 -7.45 -0.69 -14.76
C PHE A 90 -7.12 0.60 -15.51
N ARG A 91 -7.43 0.62 -16.81
CA ARG A 91 -7.09 1.73 -17.66
C ARG A 91 -7.91 2.96 -17.33
N PRO A 92 -7.25 4.15 -17.23
CA PRO A 92 -7.98 5.41 -17.10
C PRO A 92 -8.99 5.57 -18.23
N ILE A 93 -10.18 6.06 -17.92
CA ILE A 93 -11.19 6.43 -18.92
C ILE A 93 -10.67 7.61 -19.71
N GLU A 94 -10.84 7.59 -21.03
CA GLU A 94 -10.22 8.60 -21.91
C GLU A 94 -10.62 8.47 -23.39
N GLU A 106 -19.13 -1.60 -24.68
CA GLU A 106 -18.64 -1.05 -23.43
C GLU A 106 -17.21 -1.54 -23.17
N PRO A 107 -16.23 -0.63 -23.11
CA PRO A 107 -14.89 -1.12 -22.84
C PRO A 107 -14.76 -1.79 -21.48
N LEU A 108 -13.66 -2.49 -21.29
CA LEU A 108 -13.40 -3.19 -20.04
C LEU A 108 -13.05 -2.22 -18.92
N ASN A 109 -12.73 -0.97 -19.26
CA ASN A 109 -12.49 0.05 -18.23
C ASN A 109 -13.71 0.98 -17.96
N SER A 110 -14.89 0.58 -18.43
CA SER A 110 -16.12 1.31 -18.12
C SER A 110 -16.40 1.38 -16.63
N ARG A 111 -17.23 2.35 -16.23
CA ARG A 111 -17.59 2.52 -14.82
C ARG A 111 -18.03 1.21 -14.23
N SER A 112 -18.93 0.53 -14.96
CA SER A 112 -19.51 -0.71 -14.52
C SER A 112 -18.49 -1.83 -14.36
N ASN A 113 -17.67 -2.03 -15.38
CA ASN A 113 -16.68 -3.11 -15.38
C ASN A 113 -15.62 -2.86 -14.33
N LYS A 114 -15.20 -1.61 -14.25
CA LYS A 114 -14.23 -1.19 -13.27
C LYS A 114 -14.82 -1.35 -11.86
N LEU A 115 -16.05 -0.90 -11.66
CA LEU A 115 -16.64 -1.10 -10.34
C LEU A 115 -16.88 -2.58 -10.03
N HIS A 116 -17.10 -3.42 -11.04
CA HIS A 116 -17.28 -4.84 -10.82
C HIS A 116 -15.98 -5.51 -10.36
N PHE A 117 -14.86 -5.10 -10.94
CA PHE A 117 -13.58 -5.54 -10.45
C PHE A 117 -13.44 -5.20 -8.96
N ALA A 118 -13.73 -3.95 -8.61
CA ALA A 118 -13.64 -3.51 -7.23
C ALA A 118 -14.61 -4.26 -6.29
N PHE A 119 -15.87 -4.39 -6.69
CA PHE A 119 -16.86 -5.19 -5.99
C PHE A 119 -16.34 -6.59 -5.67
N ARG A 120 -15.66 -7.20 -6.62
CA ARG A 120 -15.11 -8.55 -6.52
C ARG A 120 -14.02 -8.67 -5.46
N LEU A 121 -13.30 -7.58 -5.18
CA LEU A 121 -12.35 -7.58 -4.08
C LEU A 121 -13.01 -7.80 -2.71
N TYR A 122 -14.21 -7.25 -2.53
CA TYR A 122 -14.98 -7.41 -1.32
C TYR A 122 -15.76 -8.74 -1.27
N ASP A 123 -16.28 -9.19 -2.40
CA ASP A 123 -17.14 -10.35 -2.39
C ASP A 123 -16.35 -11.65 -2.42
N LEU A 124 -15.72 -11.96 -1.31
CA LEU A 124 -14.85 -13.12 -1.22
C LEU A 124 -15.51 -14.48 -1.55
N ASP A 125 -16.72 -14.75 -1.07
CA ASP A 125 -17.38 -16.03 -1.40
C ASP A 125 -18.10 -16.04 -2.77
N LYS A 126 -18.01 -14.93 -3.52
CA LYS A 126 -18.59 -14.83 -4.86
C LYS A 126 -20.10 -15.13 -4.96
N ASP A 127 -20.84 -14.88 -3.88
CA ASP A 127 -22.31 -14.98 -3.92
C ASP A 127 -23.01 -13.67 -4.40
N ASP A 128 -22.21 -12.74 -4.95
CA ASP A 128 -22.68 -11.48 -5.55
C ASP A 128 -23.29 -10.50 -4.57
N LYS A 129 -22.95 -10.66 -3.29
CA LYS A 129 -23.35 -9.72 -2.26
C LYS A 129 -22.16 -9.53 -1.35
N ILE A 130 -21.94 -8.31 -0.91
CA ILE A 130 -21.00 -8.04 0.16
C ILE A 130 -21.69 -8.09 1.53
N SER A 131 -21.34 -9.06 2.36
CA SER A 131 -21.87 -9.16 3.71
C SER A 131 -21.19 -8.14 4.64
N ARG A 132 -21.69 -8.00 5.86
CA ARG A 132 -21.07 -7.12 6.86
C ARG A 132 -19.66 -7.58 7.17
N ASP A 133 -19.48 -8.89 7.39
CA ASP A 133 -18.14 -9.46 7.64
C ASP A 133 -17.19 -9.18 6.51
N GLU A 134 -17.55 -9.57 5.29
CA GLU A 134 -16.74 -9.26 4.07
C GLU A 134 -16.31 -7.80 3.99
N LEU A 135 -17.22 -6.88 4.32
CA LEU A 135 -16.89 -5.44 4.40
C LEU A 135 -15.90 -5.13 5.48
N LEU A 136 -16.16 -5.65 6.67
CA LEU A 136 -15.19 -5.59 7.79
C LEU A 136 -13.78 -6.05 7.47
N GLN A 137 -13.66 -7.14 6.73
CA GLN A 137 -12.36 -7.71 6.35
C GLN A 137 -11.56 -6.77 5.43
N VAL A 138 -12.23 -6.10 4.52
CA VAL A 138 -11.54 -5.15 3.66
C VAL A 138 -11.16 -3.88 4.45
N LEU A 139 -12.08 -3.40 5.27
CA LEU A 139 -11.83 -2.25 6.18
C LEU A 139 -10.62 -2.52 7.08
N ARG A 140 -10.59 -3.68 7.73
CA ARG A 140 -9.44 -4.07 8.58
C ARG A 140 -8.13 -4.06 7.81
N MET A 141 -8.17 -4.37 6.52
CA MET A 141 -6.98 -4.34 5.68
C MET A 141 -6.52 -2.93 5.32
N MET A 142 -7.43 -1.97 5.31
CA MET A 142 -7.18 -0.69 4.69
C MET A 142 -6.93 0.42 5.72
N VAL A 143 -7.62 0.36 6.86
CA VAL A 143 -7.57 1.51 7.80
C VAL A 143 -6.27 1.61 8.57
N GLY A 144 -6.08 2.73 9.25
CA GLY A 144 -4.87 2.96 10.04
C GLY A 144 -4.94 2.41 11.45
N VAL A 145 -3.84 2.55 12.16
CA VAL A 145 -3.64 1.96 13.49
C VAL A 145 -4.70 2.32 14.52
N ASN A 146 -5.21 3.55 14.45
CA ASN A 146 -6.13 4.06 15.49
C ASN A 146 -7.63 3.92 15.23
N ILE A 147 -8.02 3.10 14.27
CA ILE A 147 -9.45 2.88 14.05
C ILE A 147 -9.83 1.65 14.84
N SER A 148 -10.70 1.83 15.83
CA SER A 148 -11.05 0.79 16.80
C SER A 148 -11.98 -0.26 16.19
N ASP A 149 -12.03 -1.44 16.81
CA ASP A 149 -12.94 -2.50 16.36
C ASP A 149 -14.38 -2.01 16.39
N GLU A 150 -14.68 -1.12 17.35
CA GLU A 150 -16.00 -0.62 17.58
C GLU A 150 -16.40 0.29 16.41
N GLN A 151 -15.53 1.25 16.13
CA GLN A 151 -15.69 2.15 15.01
C GLN A 151 -15.70 1.44 13.63
N LEU A 152 -14.93 0.37 13.51
CA LEU A 152 -15.03 -0.54 12.37
C LEU A 152 -16.45 -1.08 12.15
N GLY A 153 -17.09 -1.52 13.23
CA GLY A 153 -18.49 -1.98 13.20
C GLY A 153 -19.45 -0.89 12.73
N SER A 154 -19.28 0.32 13.24
CA SER A 154 -20.05 1.50 12.80
C SER A 154 -19.77 1.96 11.36
N ILE A 155 -18.54 1.88 10.88
CA ILE A 155 -18.26 2.20 9.49
C ILE A 155 -18.93 1.13 8.60
N ALA A 156 -18.74 -0.14 8.93
CA ALA A 156 -19.36 -1.19 8.14
C ALA A 156 -20.91 -1.05 8.10
N ASP A 157 -21.52 -0.74 9.24
CA ASP A 157 -22.97 -0.62 9.34
C ASP A 157 -23.52 0.61 8.60
N ARG A 158 -22.83 1.73 8.72
CA ARG A 158 -23.28 2.94 8.04
C ARG A 158 -23.15 2.77 6.52
N THR A 159 -22.01 2.23 6.10
CA THR A 159 -21.75 1.94 4.70
C THR A 159 -22.80 1.01 4.08
N ILE A 160 -23.19 -0.03 4.81
CA ILE A 160 -24.24 -0.94 4.36
C ILE A 160 -25.58 -0.19 4.29
N GLN A 161 -25.92 0.48 5.39
CA GLN A 161 -27.07 1.37 5.49
C GLN A 161 -27.19 2.28 4.26
N GLU A 162 -26.13 3.03 3.93
CA GLU A 162 -26.15 3.93 2.77
C GLU A 162 -26.39 3.23 1.43
N ALA A 163 -25.88 2.01 1.27
CA ALA A 163 -26.04 1.29 0.01
C ALA A 163 -27.30 0.43 -0.05
N ASP A 164 -27.69 -0.19 1.06
CA ASP A 164 -28.75 -1.20 1.07
C ASP A 164 -30.12 -0.53 0.76
N GLN A 165 -30.76 -0.94 -0.33
CA GLN A 165 -32.09 -0.41 -0.69
C GLN A 165 -33.17 -1.48 -0.68
N ASP A 166 -32.78 -2.74 -0.51
CA ASP A 166 -33.76 -3.83 -0.42
C ASP A 166 -33.77 -4.49 0.94
N GLY A 167 -33.14 -3.85 1.92
CA GLY A 167 -33.19 -4.30 3.30
C GLY A 167 -32.72 -5.71 3.66
N ASP A 168 -31.76 -6.26 2.93
CA ASP A 168 -31.13 -7.52 3.39
C ASP A 168 -29.86 -7.32 4.26
N SER A 169 -29.49 -6.07 4.53
CA SER A 169 -28.25 -5.76 5.26
C SER A 169 -26.99 -6.34 4.59
N ALA A 170 -27.03 -6.41 3.25
CA ALA A 170 -25.90 -6.78 2.40
C ALA A 170 -25.89 -5.86 1.21
N ILE A 171 -24.74 -5.72 0.54
CA ILE A 171 -24.67 -4.83 -0.61
C ILE A 171 -24.54 -5.62 -1.89
N SER A 172 -25.55 -5.48 -2.75
CA SER A 172 -25.51 -6.08 -4.06
C SER A 172 -24.68 -5.19 -5.01
N PHE A 173 -24.39 -5.69 -6.21
CA PHE A 173 -23.57 -4.95 -7.17
C PHE A 173 -24.30 -3.71 -7.66
N THR A 174 -25.60 -3.86 -7.92
CA THR A 174 -26.42 -2.73 -8.29
C THR A 174 -26.38 -1.64 -7.19
N GLU A 175 -26.54 -2.04 -5.94
CA GLU A 175 -26.46 -1.09 -4.78
C GLU A 175 -25.06 -0.43 -4.66
N PHE A 176 -24.03 -1.25 -4.82
CA PHE A 176 -22.63 -0.81 -4.80
C PHE A 176 -22.38 0.25 -5.87
N VAL A 177 -22.92 0.00 -7.05
CA VAL A 177 -22.86 0.93 -8.17
C VAL A 177 -23.74 2.17 -7.94
N LYS A 178 -24.97 1.95 -7.52
CA LYS A 178 -25.93 3.02 -7.26
C LYS A 178 -25.36 4.08 -6.31
N VAL A 179 -24.83 3.61 -5.17
CA VAL A 179 -24.33 4.52 -4.16
C VAL A 179 -23.22 5.42 -4.73
N LEU A 180 -22.58 5.00 -5.81
CA LEU A 180 -21.54 5.81 -6.47
C LEU A 180 -22.01 6.44 -7.77
N GLU A 181 -23.33 6.44 -7.97
CA GLU A 181 -23.91 6.79 -9.29
C GLU A 181 -23.43 8.16 -9.79
N LYS A 182 -23.41 9.13 -8.90
CA LYS A 182 -22.97 10.47 -9.24
C LYS A 182 -21.67 10.87 -8.54
N VAL A 183 -20.81 9.89 -8.19
CA VAL A 183 -19.47 10.18 -7.69
C VAL A 183 -18.47 9.93 -8.82
N ASP A 184 -17.38 10.71 -8.91
CA ASP A 184 -16.35 10.44 -9.93
C ASP A 184 -15.47 9.30 -9.46
N VAL A 185 -15.87 8.10 -9.83
CA VAL A 185 -15.14 6.90 -9.47
C VAL A 185 -13.65 7.00 -9.82
N GLU A 186 -13.39 7.60 -10.97
CA GLU A 186 -12.06 7.72 -11.53
C GLU A 186 -11.06 8.51 -10.64
N GLN A 187 -11.56 9.38 -9.78
CA GLN A 187 -10.72 10.11 -8.83
C GLN A 187 -10.67 9.49 -7.42
N LYS A 188 -11.26 8.32 -7.22
CA LYS A 188 -11.10 7.60 -5.94
C LYS A 188 -9.70 6.97 -5.81
N MET A 189 -9.09 7.07 -4.62
CA MET A 189 -7.70 6.63 -4.39
C MET A 189 -7.47 5.17 -4.81
N SER A 190 -8.32 4.27 -4.33
CA SER A 190 -8.20 2.84 -4.70
C SER A 190 -8.27 2.62 -6.20
N ILE A 191 -9.10 3.40 -6.90
CA ILE A 191 -9.20 3.30 -8.35
C ILE A 191 -7.96 3.91 -9.00
N ARG A 192 -7.41 4.96 -8.40
CA ARG A 192 -6.19 5.56 -8.91
C ARG A 192 -4.98 4.65 -8.70
N PHE A 193 -4.93 3.89 -7.62
CA PHE A 193 -3.92 2.83 -7.48
C PHE A 193 -3.88 1.97 -8.74
N LEU A 194 -5.06 1.59 -9.21
CA LEU A 194 -5.14 0.67 -10.34
C LEU A 194 -4.63 1.32 -11.62
N HIS A 195 -4.93 2.60 -11.81
CA HIS A 195 -4.33 3.41 -12.89
C HIS A 195 -2.81 3.36 -12.78
N LYS A 196 -2.29 3.58 -11.58
CA LYS A 196 -0.84 3.66 -11.33
C LYS A 196 -0.15 2.32 -11.56
N LEU A 197 -0.79 1.27 -11.09
CA LEU A 197 -0.30 -0.07 -11.28
C LEU A 197 -0.12 -0.40 -12.76
N ALA A 198 -1.18 -0.22 -13.53
CA ALA A 198 -1.12 -0.53 -14.94
C ALA A 198 0.01 0.27 -15.62
N ALA A 199 0.15 1.54 -15.31
CA ALA A 199 1.27 2.35 -15.84
C ALA A 199 2.64 1.78 -15.43
N ALA A 200 2.84 1.42 -14.17
CA ALA A 200 4.15 0.92 -13.71
C ALA A 200 4.51 -0.46 -14.27
N LEU A 201 3.51 -1.29 -14.55
CA LEU A 201 3.72 -2.57 -15.23
C LEU A 201 4.23 -2.35 -16.66
N GLU A 202 3.66 -1.34 -17.30
CA GLU A 202 4.00 -0.96 -18.65
C GLU A 202 5.36 -0.27 -18.72
N HIS A 203 5.60 0.69 -17.82
CA HIS A 203 6.80 1.52 -17.89
C HIS A 203 7.98 0.72 -17.35
N SER B 3 45.63 -3.03 2.72
CA SER B 3 44.19 -3.31 2.48
C SER B 3 43.59 -4.27 3.51
N ARG B 4 44.43 -4.72 4.45
CA ARG B 4 43.94 -5.20 5.75
C ARG B 4 43.04 -4.12 6.34
N ALA B 5 43.53 -2.87 6.29
CA ALA B 5 42.88 -1.75 6.94
C ALA B 5 41.49 -1.55 6.38
N SER B 6 41.41 -1.47 5.05
CA SER B 6 40.19 -1.12 4.37
C SER B 6 39.12 -2.20 4.51
N THR B 7 39.51 -3.47 4.53
CA THR B 7 38.56 -4.57 4.76
C THR B 7 38.03 -4.56 6.20
N LEU B 8 38.92 -4.29 7.17
CA LEU B 8 38.50 -4.25 8.58
C LEU B 8 37.53 -3.10 8.84
N LEU B 9 37.80 -1.95 8.26
CA LEU B 9 36.95 -0.80 8.41
C LEU B 9 35.52 -1.07 7.84
N ARG B 10 35.48 -1.84 6.78
CA ARG B 10 34.22 -2.18 6.11
C ARG B 10 33.42 -3.17 6.95
N ASP B 11 34.11 -4.18 7.47
CA ASP B 11 33.49 -5.08 8.43
C ASP B 11 32.92 -4.31 9.60
N GLU B 12 33.72 -3.39 10.15
CA GLU B 12 33.31 -2.64 11.34
C GLU B 12 32.14 -1.70 11.05
N GLU B 13 32.16 -1.08 9.88
CA GLU B 13 31.04 -0.26 9.41
C GLU B 13 29.74 -1.04 9.28
N LEU B 14 29.80 -2.23 8.72
CA LEU B 14 28.65 -3.09 8.67
C LEU B 14 28.15 -3.36 10.08
N GLU B 15 29.05 -3.80 10.96
CA GLU B 15 28.72 -4.05 12.36
C GLU B 15 28.12 -2.81 13.02
N GLU B 16 28.62 -1.66 12.63
CA GLU B 16 28.13 -0.44 13.22
C GLU B 16 26.66 -0.21 12.86
N ILE B 17 26.35 -0.38 11.58
CA ILE B 17 25.01 -0.17 11.07
C ILE B 17 24.05 -1.20 11.68
N LYS B 18 24.54 -2.42 11.87
CA LYS B 18 23.76 -3.50 12.45
C LYS B 18 23.43 -3.23 13.91
N LYS B 19 24.44 -2.77 14.65
CA LYS B 19 24.24 -2.35 16.04
C LYS B 19 23.14 -1.28 16.09
N GLU B 20 23.25 -0.30 15.21
CA GLU B 20 22.30 0.81 15.19
C GLU B 20 20.92 0.37 14.73
N THR B 21 20.87 -0.47 13.69
CA THR B 21 19.61 -0.67 12.98
C THR B 21 18.98 -2.03 13.17
N GLY B 22 19.73 -3.04 13.64
CA GLY B 22 19.23 -4.41 13.75
C GLY B 22 19.27 -5.25 12.47
N PHE B 23 19.65 -4.63 11.37
CA PHE B 23 19.77 -5.34 10.09
C PHE B 23 21.06 -6.19 10.07
N SER B 24 21.01 -7.36 9.46
CA SER B 24 22.22 -8.21 9.33
C SER B 24 23.09 -7.63 8.25
N HIS B 25 24.38 -7.99 8.30
CA HIS B 25 25.37 -7.57 7.30
C HIS B 25 24.91 -7.84 5.87
N SER B 26 24.38 -9.02 5.66
CA SER B 26 23.76 -9.43 4.41
C SER B 26 22.55 -8.56 3.97
N GLN B 27 21.68 -8.20 4.91
CA GLN B 27 20.57 -7.34 4.57
C GLN B 27 21.10 -5.95 4.22
N ILE B 28 22.08 -5.48 4.98
CA ILE B 28 22.67 -4.14 4.79
C ILE B 28 23.28 -4.00 3.40
N THR B 29 24.01 -5.04 2.99
CA THR B 29 24.67 -5.10 1.69
C THR B 29 23.65 -5.02 0.52
N ARG B 30 22.59 -5.81 0.61
CA ARG B 30 21.51 -5.75 -0.35
C ARG B 30 20.82 -4.39 -0.39
N LEU B 31 20.51 -3.86 0.78
CA LEU B 31 19.95 -2.50 0.88
C LEU B 31 20.86 -1.47 0.25
N TYR B 32 22.17 -1.56 0.46
CA TYR B 32 23.13 -0.64 -0.20
C TYR B 32 23.06 -0.72 -1.72
N SER B 33 22.93 -1.95 -2.21
CA SER B 33 22.84 -2.19 -3.63
C SER B 33 21.61 -1.53 -4.22
N ARG B 34 20.45 -1.62 -3.55
CA ARG B 34 19.25 -0.91 -3.95
C ARG B 34 19.44 0.62 -3.80
N PHE B 35 20.09 1.06 -2.73
CA PHE B 35 20.31 2.48 -2.49
C PHE B 35 21.09 3.04 -3.67
N THR B 36 22.16 2.35 -4.05
CA THR B 36 22.97 2.81 -5.16
C THR B 36 22.20 2.81 -6.47
N SER B 37 21.27 1.86 -6.67
CA SER B 37 20.49 1.87 -7.90
C SER B 37 19.46 2.99 -7.93
N LEU B 38 19.16 3.60 -6.78
CA LEU B 38 18.21 4.70 -6.73
C LEU B 38 18.88 6.05 -6.83
N ASP B 39 20.19 6.07 -6.66
CA ASP B 39 20.98 7.28 -6.61
C ASP B 39 21.23 7.79 -8.03
N LYS B 40 20.24 8.43 -8.65
CA LYS B 40 20.38 8.79 -10.07
C LYS B 40 21.37 9.95 -10.31
N GLY B 41 21.66 10.73 -9.28
CA GLY B 41 22.64 11.81 -9.41
C GLY B 41 24.06 11.31 -9.22
N GLU B 42 24.20 10.01 -8.92
CA GLU B 42 25.49 9.40 -8.56
C GLU B 42 26.30 10.35 -7.64
N ASN B 43 25.66 10.81 -6.58
CA ASN B 43 26.27 11.70 -5.60
C ASN B 43 26.24 11.18 -4.16
N GLY B 44 25.99 9.88 -4.00
CA GLY B 44 26.01 9.25 -2.67
C GLY B 44 24.79 9.55 -1.83
N THR B 45 23.76 10.17 -2.42
CA THR B 45 22.55 10.49 -1.69
C THR B 45 21.30 10.40 -2.53
N LEU B 46 20.17 10.31 -1.85
CA LEU B 46 18.90 10.18 -2.54
C LEU B 46 18.09 11.47 -2.45
N SER B 47 17.62 11.94 -3.59
CA SER B 47 16.76 13.10 -3.64
C SER B 47 15.32 12.67 -3.45
N ARG B 48 14.45 13.64 -3.18
CA ARG B 48 13.01 13.39 -3.19
C ARG B 48 12.57 12.70 -4.46
N GLU B 49 13.08 13.16 -5.61
CA GLU B 49 12.75 12.58 -6.90
C GLU B 49 13.14 11.11 -7.02
N ASP B 50 14.30 10.76 -6.49
CA ASP B 50 14.79 9.39 -6.54
C ASP B 50 13.82 8.43 -5.80
N PHE B 51 13.25 8.89 -4.69
CA PHE B 51 12.26 8.07 -4.00
C PHE B 51 10.96 7.92 -4.81
N GLN B 52 10.63 8.87 -5.69
CA GLN B 52 9.44 8.73 -6.55
C GLN B 52 9.50 7.51 -7.48
N ARG B 53 10.71 6.97 -7.74
CA ARG B 53 10.93 5.80 -8.61
C ARG B 53 10.93 4.48 -7.85
N ILE B 54 10.64 4.52 -6.56
CA ILE B 54 10.36 3.27 -5.84
C ILE B 54 8.86 3.11 -5.98
N PRO B 55 8.42 2.25 -6.91
CA PRO B 55 6.99 2.19 -7.15
C PRO B 55 6.21 1.62 -5.95
N GLU B 56 6.84 0.72 -5.18
CA GLU B 56 6.27 0.24 -3.91
C GLU B 56 5.80 1.39 -3.10
N LEU B 57 6.55 2.49 -3.15
CA LEU B 57 6.24 3.66 -2.35
C LEU B 57 5.24 4.59 -2.97
N ALA B 58 5.53 4.99 -4.20
CA ALA B 58 4.81 6.07 -4.84
C ALA B 58 3.36 5.74 -5.19
N ILE B 59 3.08 4.47 -5.43
CA ILE B 59 1.75 4.16 -5.91
C ILE B 59 0.84 3.76 -4.76
N ASN B 60 1.42 3.48 -3.60
CA ASN B 60 0.67 3.08 -2.40
C ASN B 60 0.22 4.27 -1.49
N PRO B 61 -0.84 4.06 -0.66
CA PRO B 61 -1.58 5.15 0.01
C PRO B 61 -0.77 6.34 0.59
N LEU B 62 0.09 6.04 1.55
CA LEU B 62 0.77 7.08 2.32
C LEU B 62 2.19 7.16 1.85
N GLY B 63 2.39 6.79 0.59
CA GLY B 63 3.71 6.82 -0.04
C GLY B 63 4.42 8.13 0.16
N ASP B 64 3.70 9.21 -0.09
CA ASP B 64 4.32 10.52 -0.08
C ASP B 64 4.72 10.93 1.35
N ARG B 65 3.92 10.51 2.33
CA ARG B 65 4.16 10.76 3.73
C ARG B 65 5.35 9.95 4.22
N ILE B 66 5.41 8.68 3.81
CA ILE B 66 6.52 7.78 4.17
C ILE B 66 7.85 8.28 3.58
N ILE B 67 7.81 8.77 2.35
CA ILE B 67 9.01 9.32 1.69
C ILE B 67 9.51 10.51 2.47
N ASN B 68 8.61 11.42 2.79
CA ASN B 68 8.95 12.60 3.57
C ASN B 68 9.64 12.26 4.87
N ALA B 69 9.23 11.16 5.51
CA ALA B 69 9.85 10.72 6.77
C ALA B 69 11.34 10.46 6.66
N PHE B 70 11.79 10.06 5.48
CA PHE B 70 13.22 9.83 5.25
C PHE B 70 14.07 11.10 5.32
N PHE B 71 13.44 12.25 5.11
CA PHE B 71 14.10 13.54 5.06
C PHE B 71 13.87 14.36 6.32
N SER B 72 14.93 14.62 7.07
CA SER B 72 14.90 15.63 8.15
C SER B 72 14.43 17.00 7.68
N GLU B 73 14.23 17.91 8.63
CA GLU B 73 13.81 19.28 8.32
C GLU B 73 14.88 20.02 7.54
N GLY B 74 14.44 20.79 6.56
CA GLY B 74 15.31 21.63 5.75
C GLY B 74 16.25 20.84 4.87
N GLU B 75 15.88 19.57 4.60
CA GLU B 75 16.76 18.60 3.97
C GLU B 75 16.15 18.09 2.68
N ASP B 76 16.98 18.08 1.63
CA ASP B 76 16.56 17.74 0.28
C ASP B 76 17.22 16.45 -0.22
N GLN B 77 18.12 15.89 0.58
CA GLN B 77 18.95 14.75 0.19
C GLN B 77 19.15 13.78 1.39
N VAL B 78 19.18 12.48 1.12
CA VAL B 78 19.41 11.50 2.21
C VAL B 78 20.53 10.53 1.88
N ASN B 79 21.42 10.32 2.84
CA ASN B 79 22.56 9.42 2.66
C ASN B 79 22.19 8.01 3.09
N PHE B 80 23.12 7.08 2.97
CA PHE B 80 22.79 5.67 3.23
C PHE B 80 22.48 5.42 4.71
N ARG B 81 23.20 6.12 5.59
CA ARG B 81 23.00 5.92 7.03
C ARG B 81 21.64 6.45 7.44
N GLY B 82 21.24 7.60 6.88
CA GLY B 82 19.87 8.10 7.12
C GLY B 82 18.83 7.13 6.59
N PHE B 83 19.04 6.69 5.35
CA PHE B 83 18.20 5.70 4.68
C PHE B 83 17.98 4.46 5.57
N MET B 84 19.07 3.94 6.12
CA MET B 84 19.03 2.77 6.94
C MET B 84 18.42 2.98 8.33
N ARG B 85 18.67 4.14 8.95
CA ARG B 85 18.03 4.49 10.21
C ARG B 85 16.53 4.55 10.05
N THR B 86 16.06 5.11 8.94
CA THR B 86 14.61 5.16 8.68
C THR B 86 14.09 3.75 8.50
N LEU B 87 14.74 2.97 7.64
CA LEU B 87 14.26 1.58 7.40
C LEU B 87 14.23 0.75 8.69
N ALA B 88 15.17 1.02 9.59
CA ALA B 88 15.23 0.32 10.89
C ALA B 88 13.90 0.37 11.65
N HIS B 89 13.14 1.44 11.44
CA HIS B 89 11.84 1.57 12.06
C HIS B 89 10.83 0.55 11.59
N PHE B 90 11.10 -0.06 10.43
CA PHE B 90 10.15 -0.93 9.74
C PHE B 90 10.34 -2.43 9.99
N ARG B 91 11.46 -2.83 10.60
CA ARG B 91 11.77 -4.23 10.78
C ARG B 91 10.83 -4.90 11.77
N PRO B 92 10.40 -6.16 11.49
CA PRO B 92 9.61 -6.86 12.47
C PRO B 92 10.41 -7.08 13.75
N ILE B 93 9.71 -6.94 14.87
CA ILE B 93 10.34 -6.95 16.17
C ILE B 93 10.75 -8.38 16.47
N GLU B 94 10.02 -9.34 15.90
CA GLU B 94 10.44 -10.74 15.91
C GLU B 94 11.80 -11.00 15.23
N ASP B 95 12.25 -10.16 14.30
CA ASP B 95 13.60 -10.27 13.74
C ASP B 95 14.76 -9.79 14.65
N ASN B 96 14.44 -9.26 15.83
CA ASN B 96 15.48 -8.68 16.68
C ASN B 96 16.37 -9.72 17.40
N GLU B 97 17.65 -9.41 17.41
CA GLU B 97 18.69 -10.18 18.09
C GLU B 97 18.41 -10.23 19.59
N ASP B 101 21.83 -7.44 27.47
CA ASP B 101 21.53 -6.39 28.45
C ASP B 101 20.03 -6.21 28.60
N VAL B 102 19.48 -6.77 29.66
CA VAL B 102 18.07 -6.54 30.02
C VAL B 102 17.63 -5.05 30.05
N ASN B 103 18.58 -4.16 30.31
CA ASN B 103 18.36 -2.72 30.32
C ASN B 103 19.09 -2.05 29.14
N GLY B 104 19.22 -2.77 28.03
CA GLY B 104 19.86 -2.24 26.81
C GLY B 104 19.05 -1.12 26.16
N PRO B 105 19.68 -0.35 25.25
CA PRO B 105 18.90 0.70 24.60
C PRO B 105 17.65 0.21 23.85
N GLU B 106 16.76 1.16 23.60
CA GLU B 106 15.61 0.96 22.77
C GLU B 106 16.01 0.69 21.30
N PRO B 107 15.53 -0.43 20.75
CA PRO B 107 15.63 -0.64 19.30
C PRO B 107 14.73 0.33 18.47
N LEU B 108 15.18 0.62 17.25
CA LEU B 108 14.52 1.59 16.38
C LEU B 108 13.21 1.05 15.85
N ASN B 109 13.00 -0.26 15.95
CA ASN B 109 11.68 -0.87 15.68
C ASN B 109 10.88 -1.20 16.96
N SER B 110 11.21 -0.58 18.09
CA SER B 110 10.40 -0.75 19.30
C SER B 110 9.00 -0.30 18.96
N ARG B 111 8.03 -0.79 19.72
CA ARG B 111 6.64 -0.43 19.61
C ARG B 111 6.47 1.08 19.67
N SER B 112 7.16 1.69 20.62
CA SER B 112 7.10 3.15 20.78
C SER B 112 7.61 3.87 19.52
N ASN B 113 8.75 3.42 19.00
CA ASN B 113 9.33 4.04 17.77
C ASN B 113 8.42 3.88 16.54
N LYS B 114 7.77 2.71 16.44
CA LYS B 114 6.82 2.46 15.38
C LYS B 114 5.61 3.35 15.56
N LEU B 115 5.11 3.51 16.77
CA LEU B 115 3.98 4.44 16.96
C LEU B 115 4.37 5.88 16.65
N HIS B 116 5.59 6.26 17.00
CA HIS B 116 6.03 7.63 16.71
C HIS B 116 6.15 7.85 15.21
N PHE B 117 6.70 6.86 14.52
CA PHE B 117 6.74 6.91 13.06
C PHE B 117 5.33 7.11 12.53
N ALA B 118 4.38 6.31 13.03
CA ALA B 118 3.02 6.39 12.54
C ALA B 118 2.41 7.77 12.85
N PHE B 119 2.62 8.26 14.07
CA PHE B 119 2.14 9.60 14.46
C PHE B 119 2.65 10.69 13.52
N ARG B 120 3.91 10.63 13.17
CA ARG B 120 4.51 11.63 12.26
C ARG B 120 3.96 11.63 10.85
N LEU B 121 3.43 10.50 10.39
CA LEU B 121 2.75 10.44 9.11
C LEU B 121 1.46 11.24 9.14
N TYR B 122 0.86 11.36 10.33
CA TYR B 122 -0.38 12.13 10.50
C TYR B 122 -0.07 13.61 10.67
N ASP B 123 0.95 13.92 11.44
CA ASP B 123 1.30 15.30 11.80
C ASP B 123 2.02 16.03 10.68
N LEU B 124 1.26 16.46 9.69
CA LEU B 124 1.81 17.09 8.48
C LEU B 124 2.65 18.32 8.81
N ASP B 125 2.14 19.21 9.65
CA ASP B 125 2.83 20.47 9.98
C ASP B 125 3.83 20.35 11.13
N LYS B 126 4.03 19.14 11.63
CA LYS B 126 5.04 18.85 12.65
C LYS B 126 4.86 19.61 13.98
N ASP B 127 3.64 20.05 14.28
CA ASP B 127 3.38 20.76 15.55
C ASP B 127 3.11 19.83 16.74
N ASP B 128 3.35 18.53 16.55
CA ASP B 128 3.29 17.53 17.62
C ASP B 128 1.86 17.26 18.07
N LYS B 129 0.89 17.62 17.23
CA LYS B 129 -0.48 17.21 17.47
C LYS B 129 -1.08 16.76 16.15
N ILE B 130 -2.02 15.83 16.20
CA ILE B 130 -2.81 15.51 15.02
C ILE B 130 -4.10 16.34 15.06
N SER B 131 -4.30 17.17 14.03
CA SER B 131 -5.54 17.93 13.88
C SER B 131 -6.55 17.13 13.08
N ARG B 132 -7.78 17.64 13.08
CA ARG B 132 -8.90 17.03 12.40
C ARG B 132 -8.59 16.90 10.91
N ASP B 133 -8.06 17.96 10.32
CA ASP B 133 -7.81 17.98 8.90
C ASP B 133 -6.70 17.03 8.53
N GLU B 134 -5.67 17.00 9.36
CA GLU B 134 -4.57 16.02 9.21
C GLU B 134 -5.08 14.61 9.24
N LEU B 135 -5.89 14.31 10.25
CA LEU B 135 -6.45 12.98 10.36
C LEU B 135 -7.28 12.65 9.11
N LEU B 136 -8.13 13.57 8.68
CA LEU B 136 -8.96 13.47 7.48
C LEU B 136 -8.15 13.28 6.16
N GLN B 137 -7.09 14.04 5.99
CA GLN B 137 -6.21 13.84 4.81
C GLN B 137 -5.64 12.43 4.71
N VAL B 138 -5.22 11.84 5.84
CA VAL B 138 -4.68 10.49 5.84
C VAL B 138 -5.79 9.46 5.58
N LEU B 139 -6.97 9.70 6.16
CA LEU B 139 -8.10 8.77 6.04
C LEU B 139 -8.53 8.60 4.61
N ARG B 140 -8.62 9.72 3.92
CA ARG B 140 -8.91 9.81 2.49
C ARG B 140 -8.01 8.93 1.63
N MET B 141 -6.72 8.96 1.94
CA MET B 141 -5.71 8.16 1.25
C MET B 141 -5.76 6.66 1.50
N MET B 142 -6.43 6.24 2.57
CA MET B 142 -6.42 4.84 2.96
C MET B 142 -7.74 4.10 2.65
N VAL B 143 -8.82 4.86 2.58
CA VAL B 143 -10.16 4.26 2.60
C VAL B 143 -10.62 3.79 1.18
N GLY B 144 -11.52 2.82 1.11
CA GLY B 144 -12.01 2.32 -0.20
C GLY B 144 -13.09 3.22 -0.81
N VAL B 145 -13.59 2.82 -1.97
CA VAL B 145 -14.47 3.69 -2.79
C VAL B 145 -15.78 4.10 -2.15
N ASN B 146 -16.30 3.28 -1.25
CA ASN B 146 -17.64 3.46 -0.74
C ASN B 146 -17.71 4.20 0.60
N ILE B 147 -16.60 4.74 1.08
CA ILE B 147 -16.66 5.60 2.25
C ILE B 147 -16.71 7.06 1.83
N SER B 148 -17.85 7.69 2.04
CA SER B 148 -18.07 9.08 1.64
C SER B 148 -17.23 10.02 2.48
N ASP B 149 -16.97 11.20 1.93
CA ASP B 149 -16.29 12.28 2.65
C ASP B 149 -17.05 12.74 3.88
N GLU B 150 -18.35 12.48 3.91
CA GLU B 150 -19.19 12.84 5.05
C GLU B 150 -18.93 11.85 6.17
N GLN B 151 -18.87 10.57 5.80
CA GLN B 151 -18.54 9.55 6.76
C GLN B 151 -17.11 9.71 7.28
N LEU B 152 -16.20 10.15 6.41
CA LEU B 152 -14.83 10.50 6.80
C LEU B 152 -14.79 11.60 7.88
N GLY B 153 -15.63 12.61 7.75
CA GLY B 153 -15.81 13.61 8.80
C GLY B 153 -16.20 13.01 10.16
N SER B 154 -17.17 12.11 10.17
CA SER B 154 -17.60 11.51 11.44
C SER B 154 -16.51 10.62 12.00
N ILE B 155 -15.74 9.97 11.13
CA ILE B 155 -14.71 9.04 11.57
C ILE B 155 -13.63 9.87 12.26
N ALA B 156 -13.19 10.94 11.62
CA ALA B 156 -12.26 11.88 12.24
C ALA B 156 -12.75 12.39 13.60
N ASP B 157 -13.97 12.92 13.65
CA ASP B 157 -14.50 13.48 14.90
C ASP B 157 -14.49 12.40 16.01
N ARG B 158 -14.96 11.20 15.73
CA ARG B 158 -15.07 10.15 16.75
C ARG B 158 -13.69 9.68 17.21
N THR B 159 -12.73 9.69 16.29
CA THR B 159 -11.37 9.20 16.53
C THR B 159 -10.62 10.23 17.39
N ILE B 160 -10.78 11.52 17.07
CA ILE B 160 -10.24 12.60 17.89
C ILE B 160 -10.85 12.57 19.30
N GLN B 161 -12.18 12.53 19.36
CA GLN B 161 -12.85 12.61 20.66
C GLN B 161 -12.53 11.42 21.57
N GLU B 162 -12.35 10.23 20.99
CA GLU B 162 -11.96 9.06 21.80
C GLU B 162 -10.56 9.21 22.40
N ALA B 163 -9.68 9.97 21.74
CA ALA B 163 -8.29 10.09 22.18
C ALA B 163 -8.01 11.41 22.92
N ASP B 164 -8.82 12.44 22.65
CA ASP B 164 -8.54 13.80 23.11
C ASP B 164 -8.93 13.98 24.58
N GLN B 165 -8.03 13.57 25.48
CA GLN B 165 -8.27 13.64 26.91
C GLN B 165 -8.26 15.07 27.46
N ASP B 166 -7.25 15.87 27.09
CA ASP B 166 -7.18 17.25 27.55
C ASP B 166 -8.18 18.21 26.84
N GLY B 167 -8.89 17.72 25.84
CA GLY B 167 -9.98 18.50 25.25
C GLY B 167 -9.57 19.70 24.41
N ASP B 168 -8.37 19.66 23.80
CA ASP B 168 -7.97 20.71 22.84
C ASP B 168 -8.40 20.40 21.39
N SER B 169 -9.25 19.39 21.20
CA SER B 169 -9.75 18.99 19.87
C SER B 169 -8.64 18.45 18.93
N ALA B 170 -7.55 17.98 19.54
CA ALA B 170 -6.38 17.56 18.80
C ALA B 170 -5.80 16.34 19.51
N ILE B 171 -5.02 15.52 18.81
CA ILE B 171 -4.37 14.36 19.42
C ILE B 171 -2.87 14.48 19.57
N SER B 172 -2.38 14.44 20.81
CA SER B 172 -0.94 14.42 21.13
C SER B 172 -0.39 13.02 21.04
N PHE B 173 0.94 12.91 21.06
CA PHE B 173 1.59 11.60 20.95
C PHE B 173 1.24 10.73 22.15
N THR B 174 1.27 11.29 23.34
CA THR B 174 0.79 10.60 24.55
C THR B 174 -0.66 10.13 24.40
N GLU B 175 -1.53 10.99 23.88
CA GLU B 175 -2.90 10.59 23.65
C GLU B 175 -2.97 9.45 22.62
N PHE B 176 -2.21 9.59 21.54
CA PHE B 176 -2.06 8.58 20.48
C PHE B 176 -1.64 7.22 21.05
N VAL B 177 -0.60 7.20 21.88
CA VAL B 177 -0.09 5.97 22.49
C VAL B 177 -1.09 5.32 23.47
N LYS B 178 -1.73 6.14 24.30
CA LYS B 178 -2.66 5.66 25.32
C LYS B 178 -3.86 4.89 24.73
N VAL B 179 -4.49 5.44 23.70
CA VAL B 179 -5.65 4.81 23.08
C VAL B 179 -5.33 3.42 22.45
N LEU B 180 -4.04 3.18 22.16
CA LEU B 180 -3.54 1.94 21.53
C LEU B 180 -3.03 0.92 22.50
N GLU B 181 -3.12 1.23 23.78
CA GLU B 181 -2.48 0.43 24.81
C GLU B 181 -2.68 -1.08 24.70
N LYS B 182 -3.92 -1.50 24.43
CA LYS B 182 -4.23 -2.92 24.32
C LYS B 182 -4.00 -3.45 22.90
N VAL B 183 -3.60 -2.60 21.96
CA VAL B 183 -3.52 -2.99 20.55
C VAL B 183 -2.15 -3.63 20.26
N ASP B 184 -2.16 -4.72 19.50
CA ASP B 184 -0.96 -5.38 19.02
C ASP B 184 -0.57 -4.65 17.73
N VAL B 185 0.38 -3.72 17.83
CA VAL B 185 0.77 -2.91 16.67
C VAL B 185 1.52 -3.73 15.60
N GLU B 186 2.42 -4.62 16.03
CA GLU B 186 3.12 -5.51 15.11
C GLU B 186 2.20 -6.12 14.06
N GLN B 187 0.93 -6.25 14.40
CA GLN B 187 0.01 -6.97 13.52
C GLN B 187 -1.03 -6.10 12.84
N LYS B 188 -0.87 -4.78 12.93
CA LYS B 188 -1.74 -3.86 12.19
C LYS B 188 -1.18 -3.76 10.80
N MET B 189 -2.07 -3.52 9.83
CA MET B 189 -1.71 -3.67 8.42
C MET B 189 -0.86 -2.51 7.91
N SER B 190 -1.00 -1.33 8.50
CA SER B 190 -0.11 -0.22 8.17
C SER B 190 1.33 -0.52 8.65
N ILE B 191 1.42 -1.14 9.80
CA ILE B 191 2.69 -1.62 10.33
C ILE B 191 3.21 -2.74 9.44
N ARG B 192 2.33 -3.66 9.07
CA ARG B 192 2.71 -4.77 8.18
C ARG B 192 3.20 -4.23 6.84
N PHE B 193 2.51 -3.25 6.29
CA PHE B 193 2.94 -2.65 5.04
C PHE B 193 4.42 -2.28 5.07
N LEU B 194 4.85 -1.68 6.18
CA LEU B 194 6.22 -1.24 6.37
C LEU B 194 7.18 -2.42 6.51
N HIS B 195 6.74 -3.48 7.17
CA HIS B 195 7.50 -4.73 7.19
C HIS B 195 7.79 -5.14 5.76
N LYS B 196 6.75 -5.14 4.93
CA LYS B 196 6.88 -5.60 3.55
C LYS B 196 7.67 -4.67 2.67
N LEU B 197 7.61 -3.39 2.96
CA LEU B 197 8.37 -2.40 2.20
C LEU B 197 9.86 -2.57 2.40
N ALA B 198 10.27 -2.82 3.65
CA ALA B 198 11.68 -3.03 3.99
C ALA B 198 12.25 -4.30 3.35
N ALA B 199 11.49 -5.38 3.41
CA ALA B 199 11.84 -6.61 2.70
C ALA B 199 11.97 -6.42 1.18
N ALA B 200 10.98 -5.77 0.56
CA ALA B 200 11.00 -5.56 -0.87
C ALA B 200 12.20 -4.69 -1.31
N LEU B 201 12.55 -3.69 -0.51
CA LEU B 201 13.69 -2.84 -0.87
C LEU B 201 14.97 -3.65 -0.87
N GLU B 202 15.00 -4.69 -0.05
CA GLU B 202 16.22 -5.49 0.12
C GLU B 202 16.42 -6.46 -1.03
N HIS B 203 15.34 -7.14 -1.39
CA HIS B 203 15.40 -8.23 -2.35
C HIS B 203 15.13 -7.69 -3.75
CA CA C . -20.29 -12.38 -0.52
CA CA D . -29.06 -4.97 -0.20
CA CA E . -0.24 18.76 13.32
CA CA F . -5.55 16.50 23.00
#